data_6CYU
#
_entry.id   6CYU
#
_cell.length_a   41.399
_cell.length_b   41.399
_cell.length_c   230.610
_cell.angle_alpha   90.00
_cell.angle_beta   90.00
_cell.angle_gamma   120.00
#
_symmetry.space_group_name_H-M   'P 32 2 1'
#
loop_
_entity.id
_entity.type
_entity.pdbx_description
1 polymer Beta-lactamase
2 non-polymer '(2R)-2-[(R)-{[(2Z)-2-(2-amino-1,3-thiazol-4-yl)-2-(methoxyimino)acetyl]amino}(carboxy)methyl]-5-methylidene-5,6-dihydro -2H-1,3-thiazine-4-carboxylic acid'
3 water water
#
_entity_poly.entity_id   1
_entity_poly.type   'polypeptide(L)'
_entity_poly.pdbx_seq_one_letter_code
;QTSAVQQKLAALEKSSGGRLGVALIDTADNTQVLYRGDERFPMCGTSKVMAAAAVLKQSETQKQLLNQPVEIKPADLVNY
SPIAEKHVNGTMTLAELSAAALQYSDNTAMNKLIAQLGGPGGVTAFARAIGDETFRLDRTEPTLNTAIPGDPRDTTTPRA
MAQTLRQLTLGHALGETQRAQLVTWLKGNTTGAASIRAGLPTSWTVGDKTGSGGYGTTNDIAVIWPQGRAPLVLVTYFTQ
PQQNAESRRDVLASAARIIAEGL
;
_entity_poly.pdbx_strand_id   A
#
loop_
_chem_comp.id
_chem_comp.type
_chem_comp.name
_chem_comp.formula
CE4 non-polymer '(2R)-2-[(R)-{[(2Z)-2-(2-amino-1,3-thiazol-4-yl)-2-(methoxyimino)acetyl]amino}(carboxy)methyl]-5-methylidene-5,6-dihydro -2H-1,3-thiazine-4-carboxylic acid' 'C14 H15 N5 O6 S2'
#
# COMPACT_ATOMS: atom_id res chain seq x y z
N THR A 2 -8.51 25.50 10.18
CA THR A 2 -8.43 24.33 9.31
C THR A 2 -9.53 24.33 8.24
N SER A 3 -9.30 23.59 7.17
CA SER A 3 -10.18 23.63 6.01
C SER A 3 -11.49 22.89 6.29
N ALA A 4 -12.45 23.06 5.37
CA ALA A 4 -13.72 22.34 5.49
C ALA A 4 -13.52 20.84 5.37
N VAL A 5 -12.69 20.40 4.43
CA VAL A 5 -12.44 18.97 4.29
C VAL A 5 -11.77 18.42 5.54
N GLN A 6 -10.90 19.22 6.19
CA GLN A 6 -10.25 18.74 7.40
C GLN A 6 -11.23 18.63 8.57
N GLN A 7 -12.22 19.52 8.64
CA GLN A 7 -13.23 19.40 9.68
C GLN A 7 -14.07 18.14 9.49
N LYS A 8 -14.38 17.79 8.24
CA LYS A 8 -15.17 16.59 7.99
C LYS A 8 -14.37 15.34 8.28
N LEU A 9 -13.09 15.32 7.90
CA LEU A 9 -12.23 14.19 8.26
C LEU A 9 -12.07 14.08 9.77
N ALA A 10 -11.91 15.22 10.45
CA ALA A 10 -11.80 15.18 11.91
C ALA A 10 -13.09 14.64 12.53
N ALA A 11 -14.24 14.99 11.95
CA ALA A 11 -15.51 14.50 12.45
C ALA A 11 -15.67 13.01 12.20
N LEU A 12 -15.32 12.56 11.00
CA LEU A 12 -15.27 11.12 10.72
C LEU A 12 -14.39 10.39 11.73
N GLU A 13 -13.19 10.92 11.99
CA GLU A 13 -12.32 10.31 12.97
C GLU A 13 -12.99 10.24 14.34
N LYS A 14 -13.58 11.35 14.76
CA LYS A 14 -14.20 11.37 16.09
C LYS A 14 -15.33 10.34 16.19
N SER A 15 -16.11 10.18 15.11
CA SER A 15 -17.18 9.21 15.12
C SER A 15 -16.67 7.77 15.13
N SER A 16 -15.42 7.54 14.69
CA SER A 16 -14.90 6.21 14.48
C SER A 16 -14.27 5.60 15.72
N GLY A 17 -13.87 6.41 16.69
CA GLY A 17 -13.16 5.94 17.87
C GLY A 17 -11.69 5.68 17.66
N GLY A 18 -11.18 5.85 16.44
CA GLY A 18 -9.78 5.54 16.17
C GLY A 18 -8.96 6.72 15.70
N ARG A 19 -7.85 6.43 15.02
CA ARG A 19 -6.91 7.45 14.57
C ARG A 19 -6.79 7.35 13.05
N LEU A 20 -7.06 8.46 12.37
CA LEU A 20 -7.18 8.49 10.91
C LEU A 20 -6.07 9.32 10.30
N GLY A 21 -5.42 8.80 9.26
CA GLY A 21 -4.39 9.55 8.57
C GLY A 21 -4.69 9.61 7.09
N VAL A 22 -4.69 10.80 6.50
CA VAL A 22 -5.04 10.97 5.11
C VAL A 22 -4.01 11.86 4.43
N ALA A 23 -3.60 11.48 3.22
CA ALA A 23 -2.84 12.39 2.37
C ALA A 23 -3.39 12.29 0.96
N LEU A 24 -3.81 13.43 0.41
CA LEU A 24 -4.20 13.53 -0.99
C LEU A 24 -3.21 14.41 -1.74
N ILE A 25 -2.83 13.98 -2.93
CA ILE A 25 -2.13 14.83 -3.89
C ILE A 25 -3.04 14.95 -5.09
N ASP A 26 -3.40 16.19 -5.44
CA ASP A 26 -4.12 16.48 -6.68
C ASP A 26 -3.08 16.96 -7.68
N THR A 27 -2.76 16.12 -8.68
CA THR A 27 -1.67 16.42 -9.60
C THR A 27 -2.04 17.48 -10.62
N ALA A 28 -3.30 17.90 -10.66
CA ALA A 28 -3.68 19.02 -11.51
C ALA A 28 -2.89 20.26 -11.15
N ASP A 29 -2.96 20.66 -9.88
CA ASP A 29 -2.26 21.83 -9.37
C ASP A 29 -1.22 21.46 -8.33
N ASN A 30 -0.96 20.16 -8.16
CA ASN A 30 -0.02 19.66 -7.15
C ASN A 30 -0.30 20.27 -5.78
N THR A 31 -1.58 20.38 -5.46
CA THR A 31 -2.02 20.75 -4.12
C THR A 31 -2.27 19.50 -3.30
N GLN A 32 -2.37 19.69 -2.00
CA GLN A 32 -2.40 18.58 -1.05
C GLN A 32 -3.49 18.81 -0.01
N VAL A 33 -4.05 17.72 0.48
CA VAL A 33 -4.88 17.73 1.68
C VAL A 33 -4.29 16.72 2.63
N LEU A 34 -3.97 17.14 3.85
CA LEU A 34 -3.35 16.29 4.84
C LEU A 34 -4.19 16.28 6.10
N TYR A 35 -4.35 15.09 6.68
CA TYR A 35 -4.96 14.93 7.99
C TYR A 35 -4.07 13.97 8.77
N ARG A 36 -3.47 14.46 9.85
CA ARG A 36 -2.39 13.76 10.55
C ARG A 36 -1.34 13.27 9.57
N GLY A 37 -0.99 14.14 8.62
CA GLY A 37 -0.19 13.72 7.49
C GLY A 37 1.25 13.40 7.84
N ASP A 38 1.74 13.89 8.98
CA ASP A 38 3.10 13.64 9.41
C ASP A 38 3.16 12.67 10.59
N GLU A 39 2.03 12.09 10.95
CA GLU A 39 2.03 11.06 11.99
C GLU A 39 2.41 9.72 11.38
N ARG A 40 3.10 8.91 12.17
CA ARG A 40 3.43 7.56 11.73
C ARG A 40 2.26 6.63 11.94
N PHE A 41 2.06 5.73 10.98
CA PHE A 41 1.03 4.71 11.00
C PHE A 41 1.66 3.38 10.60
N PRO A 42 1.19 2.28 11.16
CA PRO A 42 1.63 0.95 10.68
C PRO A 42 1.15 0.72 9.25
N MET A 43 2.10 0.40 8.37
CA MET A 43 1.75 0.26 6.96
C MET A 43 0.95 -1.00 6.69
N CYS A 44 1.20 -2.05 7.47
CA CYS A 44 0.76 -3.41 7.11
C CYS A 44 1.01 -3.65 5.61
N GLY A 45 0.07 -4.28 4.91
CA GLY A 45 0.31 -4.69 3.53
C GLY A 45 0.46 -3.57 2.52
N THR A 46 0.19 -2.32 2.88
CA THR A 46 0.51 -1.26 1.93
C THR A 46 2.01 -1.19 1.65
N SER A 47 2.83 -1.75 2.55
CA SER A 47 4.27 -1.85 2.32
C SER A 47 4.59 -2.75 1.13
N LYS A 48 3.65 -3.60 0.71
CA LYS A 48 3.94 -4.50 -0.40
C LYS A 48 4.15 -3.75 -1.70
N VAL A 49 3.63 -2.54 -1.83
CA VAL A 49 3.89 -1.74 -3.02
C VAL A 49 5.37 -1.41 -3.12
N MET A 50 5.98 -0.99 -2.00
CA MET A 50 7.40 -0.68 -2.01
C MET A 50 8.24 -1.91 -2.34
N ALA A 51 7.88 -3.07 -1.80
CA ALA A 51 8.64 -4.28 -2.09
C ALA A 51 8.50 -4.66 -3.55
N ALA A 52 7.27 -4.62 -4.08
CA ALA A 52 7.08 -4.97 -5.48
C ALA A 52 7.81 -4.01 -6.40
N ALA A 53 7.75 -2.71 -6.08
CA ALA A 53 8.47 -1.73 -6.88
C ALA A 53 9.98 -1.90 -6.80
N ALA A 54 10.50 -2.32 -5.64
CA ALA A 54 11.94 -2.53 -5.52
C ALA A 54 12.40 -3.67 -6.41
N VAL A 55 11.59 -4.73 -6.51
CA VAL A 55 11.95 -5.83 -7.39
C VAL A 55 11.82 -5.40 -8.85
N LEU A 56 10.82 -4.58 -9.15
CA LEU A 56 10.71 -4.01 -10.49
C LEU A 56 11.95 -3.21 -10.85
N LYS A 57 12.44 -2.39 -9.91
CA LYS A 57 13.67 -1.65 -10.15
C LYS A 57 14.83 -2.60 -10.46
N GLN A 58 14.93 -3.71 -9.72
CA GLN A 58 15.98 -4.70 -10.04
C GLN A 58 15.84 -5.21 -11.46
N SER A 59 14.61 -5.42 -11.93
CA SER A 59 14.37 -5.95 -13.26
C SER A 59 14.76 -4.99 -14.37
N GLU A 60 15.06 -3.73 -14.06
CA GLU A 60 15.48 -2.80 -15.09
C GLU A 60 16.87 -3.13 -15.61
N THR A 61 17.69 -3.78 -14.79
CA THR A 61 18.99 -4.29 -15.21
C THR A 61 18.95 -5.78 -15.51
N GLN A 62 18.26 -6.57 -14.67
CA GLN A 62 18.08 -8.01 -14.91
C GLN A 62 16.77 -8.18 -15.66
N LYS A 63 16.86 -8.14 -16.99
CA LYS A 63 15.64 -8.00 -17.81
C LYS A 63 14.68 -9.17 -17.66
N GLN A 64 15.19 -10.37 -17.40
CA GLN A 64 14.36 -11.55 -17.27
C GLN A 64 13.95 -11.84 -15.83
N LEU A 65 14.20 -10.92 -14.91
CA LEU A 65 14.03 -11.22 -13.49
C LEU A 65 12.59 -11.63 -13.16
N LEU A 66 11.61 -10.92 -13.72
CA LEU A 66 10.22 -11.22 -13.37
C LEU A 66 9.81 -12.62 -13.78
N ASN A 67 10.51 -13.24 -14.73
CA ASN A 67 10.21 -14.60 -15.16
C ASN A 67 10.96 -15.66 -14.37
N GLN A 68 11.74 -15.28 -13.37
CA GLN A 68 12.56 -16.24 -12.65
C GLN A 68 11.69 -17.08 -11.71
N PRO A 69 11.76 -18.40 -11.79
CA PRO A 69 10.97 -19.23 -10.88
C PRO A 69 11.54 -19.20 -9.48
N VAL A 70 10.64 -19.17 -8.50
CA VAL A 70 10.98 -19.19 -7.09
C VAL A 70 10.24 -20.34 -6.43
N GLU A 71 10.99 -21.21 -5.76
CA GLU A 71 10.40 -22.36 -5.07
C GLU A 71 9.53 -21.90 -3.90
N ILE A 72 8.37 -22.53 -3.75
CA ILE A 72 7.47 -22.31 -2.60
C ILE A 72 7.57 -23.56 -1.75
N LYS A 73 8.30 -23.48 -0.57
CA LYS A 73 8.47 -24.62 0.30
C LYS A 73 7.43 -24.60 1.41
N PRO A 74 7.04 -25.77 1.94
CA PRO A 74 6.08 -25.79 3.06
C PRO A 74 6.49 -24.87 4.21
N ALA A 75 7.78 -24.81 4.53
CA ALA A 75 8.23 -23.93 5.59
C ALA A 75 8.03 -22.46 5.25
N ASP A 76 7.92 -22.11 3.96
CA ASP A 76 7.73 -20.72 3.58
C ASP A 76 6.32 -20.23 3.86
N LEU A 77 5.36 -21.12 4.00
CA LEU A 77 3.97 -20.71 4.08
C LEU A 77 3.66 -20.02 5.40
N VAL A 78 3.10 -18.81 5.31
CA VAL A 78 2.55 -18.11 6.45
C VAL A 78 1.06 -17.89 6.19
N ASN A 79 0.34 -17.52 7.26
CA ASN A 79 -1.10 -17.33 7.13
C ASN A 79 -1.41 -16.23 6.11
N TYR A 80 -2.62 -16.31 5.55
CA TYR A 80 -3.09 -15.32 4.58
C TYR A 80 -2.24 -15.36 3.30
N SER A 81 -2.03 -16.55 2.77
CA SER A 81 -1.26 -16.74 1.55
C SER A 81 -2.08 -17.59 0.59
N PRO A 82 -3.20 -17.06 0.09
CA PRO A 82 -4.11 -17.87 -0.72
C PRO A 82 -3.53 -18.29 -2.04
N ILE A 83 -2.61 -17.52 -2.62
CA ILE A 83 -2.02 -17.88 -3.89
C ILE A 83 -0.83 -18.81 -3.69
N ALA A 84 0.11 -18.44 -2.82
CA ALA A 84 1.29 -19.26 -2.61
C ALA A 84 0.94 -20.63 -2.08
N GLU A 85 -0.12 -20.74 -1.29
CA GLU A 85 -0.52 -22.05 -0.80
C GLU A 85 -0.92 -22.96 -1.95
N LYS A 86 -1.32 -22.39 -3.08
CA LYS A 86 -1.67 -23.18 -4.25
C LYS A 86 -0.46 -23.67 -5.03
N HIS A 87 0.75 -23.28 -4.63
CA HIS A 87 1.95 -23.68 -5.37
C HIS A 87 3.02 -24.25 -4.45
N VAL A 88 2.65 -24.66 -3.24
CA VAL A 88 3.58 -25.34 -2.36
C VAL A 88 4.16 -26.54 -3.07
N ASN A 89 5.43 -26.83 -2.80
CA ASN A 89 6.20 -27.88 -3.46
C ASN A 89 6.27 -27.66 -4.97
N GLY A 90 6.04 -26.43 -5.41
CA GLY A 90 6.23 -26.03 -6.79
C GLY A 90 6.91 -24.69 -6.85
N THR A 91 6.73 -23.95 -7.93
CA THR A 91 7.37 -22.65 -8.10
C THR A 91 6.35 -21.62 -8.55
N MET A 92 6.69 -20.36 -8.27
CA MET A 92 6.04 -19.19 -8.84
C MET A 92 7.12 -18.24 -9.34
N THR A 93 6.82 -17.53 -10.42
CA THR A 93 7.75 -16.52 -10.91
C THR A 93 7.67 -15.26 -10.06
N LEU A 94 8.70 -14.42 -10.15
CA LEU A 94 8.66 -13.17 -9.39
C LEU A 94 7.50 -12.27 -9.84
N ALA A 95 7.13 -12.32 -11.13
CA ALA A 95 5.94 -11.58 -11.55
C ALA A 95 4.70 -12.13 -10.89
N GLU A 96 4.55 -13.46 -10.86
CA GLU A 96 3.38 -14.07 -10.24
C GLU A 96 3.36 -13.79 -8.74
N LEU A 97 4.54 -13.75 -8.12
CA LEU A 97 4.59 -13.48 -6.68
C LEU A 97 4.28 -12.01 -6.39
N SER A 98 4.71 -11.11 -7.28
CA SER A 98 4.37 -9.70 -7.12
C SER A 98 2.87 -9.49 -7.27
N ALA A 99 2.26 -10.13 -8.28
CA ALA A 99 0.83 -9.99 -8.48
C ALA A 99 0.04 -10.60 -7.31
N ALA A 100 0.52 -11.72 -6.77
CA ALA A 100 -0.14 -12.31 -5.62
C ALA A 100 -0.06 -11.37 -4.42
N ALA A 101 1.14 -10.86 -4.14
CA ALA A 101 1.32 -9.94 -3.02
C ALA A 101 0.43 -8.71 -3.16
N LEU A 102 0.37 -8.14 -4.37
CA LEU A 102 -0.34 -6.88 -4.57
C LEU A 102 -1.84 -7.08 -4.73
N GLN A 103 -2.28 -8.11 -5.44
CA GLN A 103 -3.68 -8.23 -5.80
C GLN A 103 -4.49 -9.16 -4.90
N TYR A 104 -3.82 -10.02 -4.13
CA TYR A 104 -4.50 -10.88 -3.18
C TYR A 104 -3.96 -10.73 -1.76
N SER A 105 -3.08 -9.75 -1.52
CA SER A 105 -2.52 -9.51 -0.19
C SER A 105 -1.78 -10.73 0.34
N ASP A 106 -1.16 -11.50 -0.56
CA ASP A 106 -0.54 -12.76 -0.18
C ASP A 106 0.72 -12.49 0.63
N ASN A 107 0.77 -13.02 1.86
CA ASN A 107 1.87 -12.73 2.77
C ASN A 107 3.12 -13.52 2.42
N THR A 108 3.00 -14.80 2.06
CA THR A 108 4.18 -15.55 1.66
C THR A 108 4.82 -14.90 0.43
N ALA A 109 3.99 -14.46 -0.51
CA ALA A 109 4.51 -13.79 -1.71
C ALA A 109 5.35 -12.57 -1.34
N MET A 110 4.86 -11.74 -0.43
CA MET A 110 5.66 -10.63 0.08
C MET A 110 6.98 -11.11 0.68
N ASN A 111 6.96 -12.20 1.45
CA ASN A 111 8.23 -12.67 2.02
C ASN A 111 9.23 -13.07 0.93
N LYS A 112 8.75 -13.58 -0.20
CA LYS A 112 9.64 -13.88 -1.30
C LYS A 112 10.20 -12.62 -1.92
N LEU A 113 9.39 -11.56 -2.02
CA LEU A 113 9.92 -10.28 -2.49
C LEU A 113 10.98 -9.75 -1.54
N ILE A 114 10.72 -9.80 -0.24
CA ILE A 114 11.69 -9.34 0.74
C ILE A 114 13.00 -10.11 0.61
N ALA A 115 12.91 -11.44 0.47
CA ALA A 115 14.13 -12.25 0.34
C ALA A 115 14.90 -11.89 -0.92
N GLN A 116 14.18 -11.66 -2.03
CA GLN A 116 14.83 -11.24 -3.28
C GLN A 116 15.57 -9.92 -3.10
N LEU A 117 15.11 -9.09 -2.19
CA LEU A 117 15.75 -7.79 -1.90
C LEU A 117 16.80 -7.86 -0.80
N GLY A 118 17.04 -9.02 -0.20
CA GLY A 118 18.07 -9.12 0.82
C GLY A 118 17.59 -8.85 2.22
N GLY A 119 16.28 -8.94 2.46
CA GLY A 119 15.74 -8.69 3.78
C GLY A 119 14.95 -7.39 3.83
N PRO A 120 14.34 -7.09 4.98
CA PRO A 120 13.56 -5.85 5.07
C PRO A 120 14.38 -4.60 4.80
N GLY A 121 15.66 -4.58 5.19
CA GLY A 121 16.52 -3.45 4.88
C GLY A 121 16.68 -3.18 3.40
N GLY A 122 16.51 -4.20 2.56
CA GLY A 122 16.50 -4.00 1.11
C GLY A 122 15.25 -3.31 0.60
N VAL A 123 14.13 -3.43 1.31
CA VAL A 123 12.95 -2.65 0.95
C VAL A 123 13.13 -1.20 1.35
N THR A 124 13.52 -0.96 2.60
CA THR A 124 13.85 0.40 3.03
C THR A 124 14.88 1.02 2.08
N ALA A 125 15.84 0.23 1.61
CA ALA A 125 16.89 0.75 0.74
C ALA A 125 16.31 1.40 -0.50
N PHE A 126 15.29 0.78 -1.09
CA PHE A 126 14.71 1.34 -2.31
C PHE A 126 13.92 2.60 -2.01
N ALA A 127 13.19 2.61 -0.90
CA ALA A 127 12.55 3.83 -0.44
C ALA A 127 13.54 4.98 -0.37
N ARG A 128 14.68 4.76 0.29
CA ARG A 128 15.68 5.83 0.38
C ARG A 128 16.22 6.20 -0.99
N ALA A 129 16.38 5.22 -1.88
CA ALA A 129 16.93 5.51 -3.20
C ALA A 129 16.03 6.42 -4.01
N ILE A 130 14.71 6.35 -3.81
CA ILE A 130 13.77 7.19 -4.55
C ILE A 130 13.40 8.46 -3.78
N GLY A 131 14.08 8.73 -2.67
CA GLY A 131 13.87 9.97 -1.94
C GLY A 131 12.91 9.90 -0.78
N ASP A 132 12.42 8.70 -0.43
CA ASP A 132 11.51 8.55 0.70
C ASP A 132 12.36 8.32 1.94
N GLU A 133 12.44 9.33 2.81
CA GLU A 133 13.24 9.29 4.03
C GLU A 133 12.47 8.78 5.23
N THR A 134 11.19 8.44 5.05
CA THR A 134 10.25 8.18 6.13
C THR A 134 9.88 6.71 6.26
N PHE A 135 9.63 6.06 5.13
CA PHE A 135 9.29 4.64 5.09
C PHE A 135 10.35 3.80 5.81
N ARG A 136 9.91 2.84 6.63
CA ARG A 136 10.84 1.86 7.16
C ARG A 136 10.15 0.51 7.24
N LEU A 137 10.77 -0.49 6.65
CA LEU A 137 10.37 -1.87 6.83
C LEU A 137 11.39 -2.54 7.71
N ASP A 138 10.93 -3.21 8.76
CA ASP A 138 11.79 -3.82 9.76
C ASP A 138 11.61 -5.31 9.90
N ARG A 139 10.45 -5.85 9.55
CA ARG A 139 10.15 -7.24 9.81
C ARG A 139 9.57 -7.87 8.55
N THR A 140 9.50 -9.21 8.58
CA THR A 140 8.88 -9.99 7.52
C THR A 140 7.42 -10.24 7.88
N GLU A 141 6.74 -10.98 7.01
CA GLU A 141 5.37 -11.43 7.27
C GLU A 141 5.41 -12.64 8.20
N PRO A 142 4.46 -12.75 9.13
CA PRO A 142 3.33 -11.85 9.33
C PRO A 142 3.58 -10.77 10.38
N THR A 143 4.73 -10.78 11.07
CA THR A 143 4.86 -9.91 12.25
C THR A 143 4.90 -8.43 11.88
N LEU A 144 5.15 -8.08 10.62
CA LEU A 144 5.21 -6.66 10.30
C LEU A 144 3.84 -5.99 10.42
N ASN A 145 2.76 -6.77 10.60
CA ASN A 145 1.42 -6.21 10.75
C ASN A 145 0.95 -6.12 12.20
N THR A 146 1.83 -6.29 13.19
CA THR A 146 1.36 -6.23 14.59
C THR A 146 0.72 -4.88 14.90
N ALA A 147 1.23 -3.80 14.30
CA ALA A 147 0.58 -2.48 14.32
C ALA A 147 0.39 -1.97 15.75
N ILE A 148 1.43 -2.13 16.56
CA ILE A 148 1.34 -1.77 17.98
C ILE A 148 1.43 -0.25 18.12
N PRO A 149 0.57 0.37 18.92
CA PRO A 149 0.62 1.84 19.09
C PRO A 149 2.01 2.31 19.52
N GLY A 150 2.52 3.33 18.84
CA GLY A 150 3.79 3.93 19.17
C GLY A 150 5.02 3.19 18.67
N ASP A 151 4.85 1.98 18.15
CA ASP A 151 5.96 1.19 17.63
C ASP A 151 6.40 1.79 16.30
N PRO A 152 7.63 2.27 16.16
CA PRO A 152 8.04 2.84 14.87
C PRO A 152 8.31 1.80 13.78
N ARG A 153 8.43 0.51 14.13
CA ARG A 153 8.74 -0.48 13.10
C ARG A 153 7.62 -0.54 12.06
N ASP A 154 8.04 -0.67 10.80
CA ASP A 154 7.10 -0.94 9.70
C ASP A 154 6.02 0.14 9.60
N THR A 155 6.44 1.40 9.74
CA THR A 155 5.56 2.56 9.64
C THR A 155 6.01 3.49 8.53
N THR A 156 5.13 4.42 8.22
CA THR A 156 5.45 5.60 7.42
C THR A 156 4.39 6.64 7.75
N THR A 157 4.50 7.80 7.12
CA THR A 157 3.49 8.84 7.28
C THR A 157 2.63 8.91 6.03
N PRO A 158 1.39 9.43 6.14
CA PRO A 158 0.59 9.58 4.92
C PRO A 158 1.22 10.49 3.89
N ARG A 159 1.82 11.61 4.31
CA ARG A 159 2.47 12.50 3.36
C ARG A 159 3.55 11.77 2.58
N ALA A 160 4.39 11.00 3.27
CA ALA A 160 5.48 10.32 2.58
C ALA A 160 4.97 9.25 1.63
N MET A 161 3.99 8.47 2.07
CA MET A 161 3.50 7.39 1.22
C MET A 161 2.79 7.94 -0.01
N ALA A 162 2.04 9.04 0.12
CA ALA A 162 1.39 9.59 -1.07
C ALA A 162 2.42 10.08 -2.07
N GLN A 163 3.47 10.75 -1.58
CA GLN A 163 4.51 11.24 -2.47
C GLN A 163 5.23 10.07 -3.13
N THR A 164 5.52 9.02 -2.36
CA THR A 164 6.18 7.86 -2.95
C THR A 164 5.28 7.17 -3.95
N LEU A 165 4.00 6.98 -3.62
CA LEU A 165 3.11 6.29 -4.55
C LEU A 165 2.97 7.06 -5.85
N ARG A 166 2.95 8.40 -5.75
CA ARG A 166 2.93 9.22 -6.97
C ARG A 166 4.16 8.98 -7.82
N GLN A 167 5.34 9.04 -7.20
CA GLN A 167 6.59 8.85 -7.94
C GLN A 167 6.65 7.49 -8.61
N LEU A 168 6.13 6.44 -7.92
CA LEU A 168 6.21 5.09 -8.45
C LEU A 168 5.27 4.86 -9.62
N THR A 169 4.11 5.53 -9.62
CA THR A 169 3.07 5.26 -10.60
C THR A 169 2.95 6.35 -11.65
N LEU A 170 2.78 7.60 -11.22
CA LEU A 170 2.65 8.70 -12.17
C LEU A 170 3.99 9.32 -12.54
N GLY A 171 4.94 9.34 -11.61
CA GLY A 171 6.29 9.75 -11.89
C GLY A 171 7.08 8.63 -12.54
N HIS A 172 8.40 8.79 -12.55
CA HIS A 172 9.28 7.83 -13.23
C HIS A 172 10.37 7.34 -12.28
N ALA A 173 10.00 7.05 -11.03
CA ALA A 173 10.93 6.37 -10.14
C ALA A 173 11.28 4.99 -10.67
N LEU A 174 10.40 4.41 -11.48
CA LEU A 174 10.62 3.14 -12.15
C LEU A 174 10.78 3.37 -13.64
N GLY A 175 11.40 2.41 -14.30
CA GLY A 175 11.47 2.40 -15.76
C GLY A 175 10.10 2.28 -16.39
N GLU A 176 10.05 2.54 -17.70
CA GLU A 176 8.75 2.71 -18.36
C GLU A 176 7.90 1.45 -18.29
N THR A 177 8.46 0.29 -18.62
CA THR A 177 7.68 -0.93 -18.55
C THR A 177 7.35 -1.27 -17.10
N GLN A 178 8.29 -1.01 -16.20
CA GLN A 178 8.09 -1.32 -14.78
C GLN A 178 6.97 -0.48 -14.19
N ARG A 179 7.00 0.82 -14.45
CA ARG A 179 5.95 1.73 -14.01
C ARG A 179 4.58 1.29 -14.54
N ALA A 180 4.50 0.93 -15.83
CA ALA A 180 3.23 0.47 -16.38
C ALA A 180 2.80 -0.85 -15.74
N GLN A 181 3.76 -1.74 -15.45
CA GLN A 181 3.44 -3.01 -14.81
C GLN A 181 2.88 -2.79 -13.41
N LEU A 182 3.49 -1.91 -12.63
CA LEU A 182 2.97 -1.62 -11.30
C LEU A 182 1.57 -1.04 -11.38
N VAL A 183 1.33 -0.14 -12.34
CA VAL A 183 0.00 0.46 -12.48
C VAL A 183 -1.03 -0.62 -12.81
N THR A 184 -0.72 -1.51 -13.75
CA THR A 184 -1.62 -2.60 -14.08
C THR A 184 -1.92 -3.48 -12.86
N TRP A 185 -0.88 -3.83 -12.10
CA TRP A 185 -1.09 -4.65 -10.91
C TRP A 185 -2.04 -3.97 -9.93
N LEU A 186 -1.80 -2.69 -9.63
CA LEU A 186 -2.64 -1.96 -8.69
C LEU A 186 -4.08 -1.86 -9.20
N LYS A 187 -4.25 -1.57 -10.49
CA LYS A 187 -5.58 -1.48 -11.05
C LYS A 187 -6.34 -2.80 -10.93
N GLY A 188 -5.63 -3.92 -10.94
CA GLY A 188 -6.23 -5.23 -10.84
C GLY A 188 -6.35 -5.78 -9.43
N ASN A 189 -6.14 -4.97 -8.40
CA ASN A 189 -6.29 -5.45 -7.03
C ASN A 189 -7.69 -5.99 -6.79
N THR A 190 -7.78 -7.08 -6.03
CA THR A 190 -9.08 -7.68 -5.72
C THR A 190 -9.56 -7.40 -4.31
N THR A 191 -8.72 -6.84 -3.43
CA THR A 191 -9.04 -6.77 -2.01
C THR A 191 -9.59 -5.42 -1.58
N GLY A 192 -9.80 -4.48 -2.50
CA GLY A 192 -10.11 -3.10 -2.15
C GLY A 192 -11.53 -2.64 -2.37
N ALA A 193 -12.48 -3.54 -2.65
CA ALA A 193 -13.82 -3.10 -3.04
C ALA A 193 -14.53 -2.32 -1.93
N ALA A 194 -14.19 -2.58 -0.67
CA ALA A 194 -14.88 -1.95 0.43
C ALA A 194 -14.14 -0.75 1.00
N SER A 195 -13.00 -0.39 0.44
CA SER A 195 -12.11 0.62 1.00
C SER A 195 -12.23 1.88 0.17
N ILE A 196 -11.12 2.48 -0.29
CA ILE A 196 -11.18 3.75 -1.02
C ILE A 196 -12.14 3.66 -2.20
N ARG A 197 -12.11 2.54 -2.94
CA ARG A 197 -12.97 2.38 -4.12
C ARG A 197 -14.43 2.60 -3.77
N ALA A 198 -14.85 2.18 -2.58
CA ALA A 198 -16.26 2.28 -2.20
C ALA A 198 -16.74 3.71 -1.98
N GLY A 199 -15.83 4.66 -1.78
CA GLY A 199 -16.22 6.03 -1.55
C GLY A 199 -16.12 6.94 -2.75
N LEU A 200 -15.75 6.42 -3.91
CA LEU A 200 -15.50 7.22 -5.10
C LEU A 200 -16.53 6.94 -6.19
N PRO A 201 -16.78 7.90 -7.07
CA PRO A 201 -17.68 7.65 -8.21
C PRO A 201 -17.22 6.46 -9.02
N THR A 202 -18.16 5.64 -9.47
CA THR A 202 -17.78 4.38 -10.10
C THR A 202 -17.24 4.56 -11.51
N SER A 203 -17.35 5.77 -12.08
CA SER A 203 -16.72 6.02 -13.37
C SER A 203 -15.20 6.16 -13.24
N TRP A 204 -14.70 6.45 -12.04
CA TRP A 204 -13.28 6.67 -11.84
C TRP A 204 -12.51 5.37 -11.84
N THR A 205 -11.34 5.38 -12.48
CA THR A 205 -10.45 4.23 -12.46
C THR A 205 -9.52 4.34 -11.26
N VAL A 206 -9.33 3.22 -10.57
CA VAL A 206 -8.56 3.19 -9.33
C VAL A 206 -7.59 2.02 -9.37
N GLY A 207 -6.37 2.26 -8.91
CA GLY A 207 -5.46 1.19 -8.52
C GLY A 207 -5.14 1.40 -7.05
N ASP A 208 -5.11 0.30 -6.30
CA ASP A 208 -4.96 0.45 -4.86
C ASP A 208 -4.30 -0.78 -4.26
N LYS A 209 -3.80 -0.60 -3.03
CA LYS A 209 -3.29 -1.70 -2.22
C LYS A 209 -3.75 -1.47 -0.80
N THR A 210 -4.43 -2.48 -0.23
CA THR A 210 -4.92 -2.43 1.13
C THR A 210 -3.88 -2.94 2.12
N GLY A 211 -4.17 -2.75 3.40
CA GLY A 211 -3.39 -3.41 4.44
C GLY A 211 -4.28 -3.58 5.65
N SER A 212 -3.98 -4.61 6.44
CA SER A 212 -4.71 -4.71 7.70
C SER A 212 -3.83 -5.43 8.72
N GLY A 213 -4.11 -5.16 9.99
CA GLY A 213 -3.27 -5.70 11.04
C GLY A 213 -3.89 -5.61 12.40
N GLY A 214 -3.04 -5.78 13.42
CA GLY A 214 -3.47 -5.65 14.79
C GLY A 214 -4.03 -4.27 15.05
N TYR A 215 -4.68 -4.14 16.21
CA TYR A 215 -5.30 -2.88 16.61
C TYR A 215 -6.29 -2.40 15.54
N GLY A 216 -6.97 -3.34 14.88
CA GLY A 216 -7.96 -3.02 13.88
C GLY A 216 -7.44 -2.11 12.80
N THR A 217 -6.14 -2.21 12.53
CA THR A 217 -5.53 -1.34 11.52
C THR A 217 -6.07 -1.69 10.14
N THR A 218 -6.52 -0.66 9.41
CA THR A 218 -7.24 -0.85 8.14
C THR A 218 -6.73 0.26 7.23
N ASN A 219 -6.02 -0.10 6.16
CA ASN A 219 -5.30 0.86 5.33
C ASN A 219 -5.64 0.67 3.86
N ASP A 220 -5.44 1.73 3.08
CA ASP A 220 -5.56 1.66 1.64
C ASP A 220 -4.74 2.81 1.06
N ILE A 221 -4.00 2.55 -0.01
CA ILE A 221 -3.31 3.60 -0.75
C ILE A 221 -3.68 3.44 -2.21
N ALA A 222 -3.96 4.55 -2.89
CA ALA A 222 -4.57 4.47 -4.20
C ALA A 222 -4.06 5.56 -5.12
N VAL A 223 -3.98 5.22 -6.39
CA VAL A 223 -3.91 6.19 -7.48
C VAL A 223 -5.28 6.20 -8.16
N ILE A 224 -5.78 7.41 -8.43
CA ILE A 224 -7.16 7.59 -8.86
C ILE A 224 -7.15 8.39 -10.16
N TRP A 225 -7.79 7.84 -11.19
CA TRP A 225 -7.89 8.49 -12.51
C TRP A 225 -9.33 8.86 -12.75
N PRO A 226 -9.76 10.06 -12.41
CA PRO A 226 -11.09 10.51 -12.82
C PRO A 226 -11.08 10.85 -14.31
N GLN A 227 -12.24 10.71 -14.93
CA GLN A 227 -12.37 11.09 -16.34
C GLN A 227 -12.54 12.61 -16.42
N GLY A 228 -11.64 13.26 -17.16
CA GLY A 228 -11.73 14.67 -17.41
C GLY A 228 -10.82 15.55 -16.58
N ARG A 229 -10.11 14.98 -15.60
CA ARG A 229 -9.17 15.78 -14.80
C ARG A 229 -7.95 14.94 -14.46
N ALA A 230 -6.91 15.63 -14.00
CA ALA A 230 -5.64 15.00 -13.70
C ALA A 230 -5.80 13.98 -12.58
N PRO A 231 -4.89 13.00 -12.51
CA PRO A 231 -5.02 11.94 -11.50
C PRO A 231 -4.81 12.46 -10.08
N LEU A 232 -5.25 11.65 -9.13
CA LEU A 232 -5.07 11.91 -7.71
C LEU A 232 -4.31 10.76 -7.08
N VAL A 233 -3.62 11.06 -5.99
CA VAL A 233 -2.99 10.06 -5.14
C VAL A 233 -3.61 10.21 -3.77
N LEU A 234 -4.07 9.10 -3.20
CA LEU A 234 -4.78 9.17 -1.93
C LEU A 234 -4.28 8.07 -1.01
N VAL A 235 -3.86 8.44 0.19
CA VAL A 235 -3.49 7.48 1.21
C VAL A 235 -4.49 7.63 2.35
N THR A 236 -5.04 6.50 2.82
CA THR A 236 -5.96 6.50 3.97
C THR A 236 -5.49 5.42 4.94
N TYR A 237 -5.02 5.83 6.10
CA TYR A 237 -4.55 4.92 7.14
C TYR A 237 -5.47 5.02 8.34
N PHE A 238 -5.77 3.89 8.98
CA PHE A 238 -6.67 3.96 10.13
C PHE A 238 -6.26 2.92 11.15
N THR A 239 -6.22 3.31 12.44
CA THR A 239 -5.87 2.35 13.47
C THR A 239 -6.63 2.70 14.75
N GLN A 240 -6.72 1.74 15.66
CA GLN A 240 -7.69 1.78 16.76
C GLN A 240 -7.04 1.43 18.09
N PRO A 241 -7.69 1.77 19.21
CA PRO A 241 -7.04 1.61 20.52
C PRO A 241 -6.98 0.18 21.04
N GLN A 242 -7.90 -0.69 20.63
CA GLN A 242 -8.00 -2.04 21.18
C GLN A 242 -7.20 -3.02 20.33
N GLN A 243 -6.39 -3.86 20.97
CA GLN A 243 -5.56 -4.77 20.18
C GLN A 243 -6.42 -5.66 19.28
N ASN A 244 -7.58 -6.09 19.76
CA ASN A 244 -8.42 -7.01 19.01
C ASN A 244 -9.52 -6.33 18.21
N ALA A 245 -9.36 -5.03 17.90
CA ALA A 245 -10.41 -4.29 17.21
C ALA A 245 -10.68 -4.86 15.82
N GLU A 246 -11.93 -4.74 15.40
CA GLU A 246 -12.36 -5.23 14.10
C GLU A 246 -11.95 -4.25 13.00
N SER A 247 -11.78 -4.77 11.80
CA SER A 247 -11.46 -3.92 10.67
C SER A 247 -12.57 -2.91 10.42
N ARG A 248 -12.19 -1.74 9.91
CA ARG A 248 -13.12 -0.65 9.61
C ARG A 248 -12.84 -0.08 8.22
N ARG A 249 -13.04 -0.91 7.20
CA ARG A 249 -12.85 -0.41 5.84
C ARG A 249 -13.83 0.71 5.50
N ASP A 250 -14.98 0.77 6.19
CA ASP A 250 -15.93 1.84 5.95
C ASP A 250 -15.32 3.21 6.23
N VAL A 251 -14.38 3.30 7.16
CA VAL A 251 -13.74 4.59 7.43
C VAL A 251 -12.94 5.07 6.24
N LEU A 252 -12.24 4.14 5.56
CA LEU A 252 -11.46 4.50 4.39
C LEU A 252 -12.38 4.92 3.24
N ALA A 253 -13.48 4.19 3.06
CA ALA A 253 -14.46 4.58 2.04
C ALA A 253 -15.00 5.98 2.32
N SER A 254 -15.33 6.27 3.58
CA SER A 254 -15.90 7.58 3.90
C SER A 254 -14.85 8.68 3.77
N ALA A 255 -13.60 8.38 4.11
CA ALA A 255 -12.54 9.36 3.93
C ALA A 255 -12.36 9.70 2.45
N ALA A 256 -12.36 8.67 1.60
CA ALA A 256 -12.26 8.92 0.16
C ALA A 256 -13.44 9.76 -0.33
N ARG A 257 -14.65 9.50 0.19
CA ARG A 257 -15.83 10.23 -0.25
C ARG A 257 -15.72 11.71 0.13
N ILE A 258 -15.29 11.98 1.36
CA ILE A 258 -15.09 13.35 1.82
C ILE A 258 -14.05 14.06 0.96
N ILE A 259 -12.97 13.36 0.62
CA ILE A 259 -11.93 13.96 -0.22
C ILE A 259 -12.50 14.28 -1.60
N ALA A 260 -13.19 13.31 -2.20
CA ALA A 260 -13.77 13.50 -3.53
C ALA A 260 -14.77 14.64 -3.54
N GLU A 261 -15.49 14.86 -2.42
CA GLU A 261 -16.41 15.98 -2.34
C GLU A 261 -15.67 17.31 -2.51
N GLY A 262 -14.55 17.48 -1.81
CA GLY A 262 -13.80 18.71 -1.86
C GLY A 262 -12.69 18.76 -2.90
C01 CE4 B . -6.74 -9.21 3.05
C01 CE4 B . -6.73 -9.20 2.99
C02 CE4 B . -5.76 -8.97 3.91
C02 CE4 B . -5.77 -8.97 3.88
C03 CE4 B . -5.46 -9.84 5.10
C03 CE4 B . -5.51 -9.87 5.05
C05 CE4 B . -2.90 -9.07 4.50
C05 CE4 B . -2.92 -9.04 4.59
C06 CE4 B . -1.83 -8.71 5.62
C06 CE4 B . -1.87 -8.68 5.73
C08 CE4 B . -2.30 -9.63 7.82
C08 CE4 B . -2.32 -9.61 7.93
C10 CE4 B . -3.05 -9.42 9.09
C10 CE4 B . -2.85 -9.34 9.30
C13 CE4 B . -6.33 -8.60 9.75
C13 CE4 B . -1.44 -9.33 12.44
C14 CE4 B . -2.23 -9.62 10.31
C14 CE4 B . -4.30 -9.08 9.36
C15 CE4 B . -1.00 -10.18 10.36
C15 CE4 B . -5.17 -9.26 8.34
C17 CE4 B . -1.88 -9.42 12.49
C17 CE4 B . -6.16 -8.49 10.41
C20 CE4 B . -1.29 -7.35 5.20
C20 CE4 B . -1.33 -7.33 5.30
C24 CE4 B . -4.86 -7.85 3.84
C24 CE4 B . -4.87 -7.85 3.86
C25 CE4 B . -5.40 -6.52 3.44
C25 CE4 B . -5.40 -6.52 3.43
N07 CE4 B . -2.45 -8.64 6.92
N07 CE4 B . -2.47 -8.61 7.05
N11 CE4 B . -4.28 -9.11 8.87
N11 CE4 B . -1.96 -9.43 10.21
N18 CE4 B . -2.09 -9.12 13.79
N18 CE4 B . -6.99 -8.08 11.38
N19 CE4 B . -2.74 -9.18 11.53
N19 CE4 B . -4.87 -8.63 10.55
N23 CE4 B . -3.62 -7.88 4.11
N23 CE4 B . -3.65 -7.86 4.17
O09 CE4 B . -1.65 -10.65 7.62
O09 CE4 B . -1.75 -10.67 7.67
O12 CE4 B . -4.97 -8.91 10.07
O12 CE4 B . -2.48 -9.17 11.49
O21 CE4 B . -0.27 -7.46 4.42
O21 CE4 B . -0.27 -7.43 4.56
O22 CE4 B . -1.78 -6.30 5.56
O22 CE4 B . -1.84 -6.27 5.61
O26 CE4 B . -4.87 -6.03 2.36
O26 CE4 B . -4.86 -6.05 2.35
O27 CE4 B . -6.25 -5.95 4.10
O27 CE4 B . -6.25 -5.94 4.08
S04 CE4 B . -3.82 -10.59 4.97
S04 CE4 B . -3.84 -10.57 5.03
S16 CE4 B . -0.40 -10.18 11.97
S16 CE4 B . -6.77 -8.89 8.83
#